data_7WED
#
_entry.id   7WED
#
_cell.length_a   1.00
_cell.length_b   1.00
_cell.length_c   1.00
_cell.angle_alpha   90.00
_cell.angle_beta   90.00
_cell.angle_gamma   90.00
#
_symmetry.space_group_name_H-M   'P 1'
#
loop_
_entity.id
_entity.type
_entity.pdbx_description
1 polymer 'Spike protein S1'
2 polymer 'The heavy chain of Fab XGv347'
3 polymer 'The light chain of Fab XGv347'
#
loop_
_entity_poly.entity_id
_entity_poly.type
_entity_poly.pdbx_seq_one_letter_code
_entity_poly.pdbx_strand_id
1 'polypeptide(L)'
;PNITNLCPFDEVFNATRFASVYAWNRKRISNCVADYSVLYNLAPFFTFKCYGVSPTKLNDLCFTNVYADSFVIRGDEVRQ
IAPGQTGKIADYNYKLPDDFTGCVIAWNSNNLDSKVGGNYNYLYRLFRKSNLKPFERDISTEIYQAGNKPCNGVAGFNCY
FPLRSYSFRPTYGVGHQPYRVVVLSFELLHAPATVCGPKKS
;
E
2 'polypeptide(L)'
;QMQLVQSGPEVKKPGTSVKVSCKASGFTFTDVSSLQWVRQARGQRLEWIGWTVVGTGNTNYAPRFQERVTITTDKSTSTA
YMELSSLRSEDTAVYYCAAPFCSETSCSDGFDLWGQGTKVTVS
;
H
3 'polypeptide(L)'
;EIVLTQSPGTLSLSPGDRATLSCRASQSVRISYLAWYQQKPGQAPRLLISGSSSRATGIPDRFSASGSGTDFTLTISRLE
PEDFAVYYCQQYANSPWTFGQGTKVEV
;
L
#
# COMPACT_ATOMS: atom_id res chain seq x y z
N PRO A 1 5.59 28.17 -49.01
CA PRO A 1 6.11 28.63 -47.72
C PRO A 1 6.11 30.15 -47.59
N ASN A 2 5.25 30.70 -46.73
CA ASN A 2 5.19 32.15 -46.54
C ASN A 2 6.05 32.62 -45.37
N ILE A 3 5.82 32.15 -44.13
CA ILE A 3 4.69 31.36 -43.63
C ILE A 3 3.94 32.23 -42.62
N THR A 4 2.70 31.88 -42.29
CA THR A 4 1.91 32.76 -41.43
C THR A 4 1.37 32.05 -40.19
N ASN A 5 0.89 30.82 -40.32
CA ASN A 5 0.25 30.13 -39.20
C ASN A 5 1.29 29.59 -38.23
N LEU A 6 0.86 29.38 -36.99
CA LEU A 6 1.74 28.87 -35.94
C LEU A 6 0.93 27.96 -35.01
N CYS A 7 1.42 26.74 -34.83
CA CYS A 7 0.78 25.82 -33.89
C CYS A 7 1.07 26.24 -32.45
N PRO A 8 0.16 25.94 -31.52
CA PRO A 8 0.33 26.45 -30.14
C PRO A 8 1.19 25.56 -29.25
N PHE A 9 2.35 25.09 -29.75
CA PHE A 9 3.24 24.31 -28.90
C PHE A 9 3.60 25.05 -27.62
N ASP A 10 3.75 26.37 -27.69
CA ASP A 10 4.06 27.14 -26.50
C ASP A 10 3.00 26.94 -25.43
N GLU A 11 1.72 26.94 -25.82
CA GLU A 11 0.65 26.73 -24.85
C GLU A 11 0.76 25.38 -24.17
N VAL A 12 1.31 24.38 -24.88
CA VAL A 12 1.55 23.07 -24.27
C VAL A 12 2.69 23.15 -23.27
N PHE A 13 3.74 23.92 -23.60
CA PHE A 13 4.99 23.84 -22.85
C PHE A 13 5.12 24.90 -21.77
N ASN A 14 4.35 25.98 -21.83
CA ASN A 14 4.45 27.06 -20.85
C ASN A 14 3.19 27.19 -19.99
N ALA A 15 2.48 26.08 -19.78
CA ALA A 15 1.32 26.10 -18.91
C ALA A 15 1.75 26.26 -17.45
N THR A 16 0.90 26.92 -16.68
CA THR A 16 1.20 27.14 -15.26
C THR A 16 1.12 25.84 -14.46
N ARG A 17 0.21 24.94 -14.85
CA ARG A 17 -0.01 23.71 -14.11
C ARG A 17 -0.21 22.55 -15.09
N PHE A 18 0.44 21.42 -14.81
CA PHE A 18 0.18 20.18 -15.52
C PHE A 18 -0.68 19.25 -14.67
N ALA A 19 -1.34 18.32 -15.35
CA ALA A 19 -2.24 17.39 -14.70
C ALA A 19 -1.45 16.28 -14.02
N SER A 20 -2.15 15.52 -13.18
CA SER A 20 -1.54 14.39 -12.49
C SER A 20 -1.26 13.26 -13.48
N VAL A 21 -0.61 12.21 -12.97
CA VAL A 21 -0.20 11.11 -13.84
C VAL A 21 -1.41 10.32 -14.31
N TYR A 22 -2.35 10.03 -13.40
CA TYR A 22 -3.48 9.16 -13.72
C TYR A 22 -4.58 9.87 -14.50
N ALA A 23 -4.53 11.19 -14.60
CA ALA A 23 -5.53 11.97 -15.33
C ALA A 23 -4.86 12.90 -16.34
N TRP A 24 -3.94 12.33 -17.13
CA TRP A 24 -3.20 13.11 -18.11
C TRP A 24 -4.15 13.69 -19.15
N ASN A 25 -3.95 14.97 -19.47
CA ASN A 25 -4.77 15.65 -20.47
C ASN A 25 -4.13 15.52 -21.84
N ARG A 26 -4.96 15.24 -22.84
CA ARG A 26 -4.51 15.04 -24.20
C ARG A 26 -5.05 16.18 -25.06
N LYS A 27 -4.16 16.85 -25.78
CA LYS A 27 -4.51 18.00 -26.60
C LYS A 27 -4.31 17.69 -28.07
N ARG A 28 -5.29 18.08 -28.89
CA ARG A 28 -5.23 17.88 -30.33
C ARG A 28 -4.60 19.10 -30.99
N ILE A 29 -3.79 18.86 -32.01
CA ILE A 29 -3.16 19.93 -32.78
C ILE A 29 -3.51 19.70 -34.25
N SER A 30 -4.14 20.69 -34.87
CA SER A 30 -4.57 20.54 -36.25
C SER A 30 -4.76 21.93 -36.87
N ASN A 31 -4.71 21.96 -38.20
CA ASN A 31 -4.93 23.16 -39.00
C ASN A 31 -4.01 24.30 -38.56
N CYS A 32 -2.71 24.03 -38.60
CA CYS A 32 -1.71 25.03 -38.28
C CYS A 32 -0.39 24.60 -38.89
N VAL A 33 0.56 25.54 -38.89
CA VAL A 33 1.92 25.29 -39.39
C VAL A 33 2.82 25.07 -38.19
N ALA A 34 3.42 23.89 -38.10
CA ALA A 34 4.25 23.51 -36.97
C ALA A 34 5.69 23.90 -37.21
N ASP A 35 6.32 24.49 -36.21
CA ASP A 35 7.70 24.97 -36.30
C ASP A 35 8.46 24.42 -35.09
N TYR A 36 9.25 23.38 -35.32
CA TYR A 36 10.05 22.76 -34.25
C TYR A 36 11.36 23.48 -34.00
N SER A 37 11.66 24.53 -34.75
CA SER A 37 12.92 25.26 -34.54
C SER A 37 12.98 25.87 -33.15
N VAL A 38 11.87 26.44 -32.68
CA VAL A 38 11.83 27.03 -31.36
C VAL A 38 11.74 25.95 -30.27
N LEU A 39 11.31 24.74 -30.62
CA LEU A 39 11.11 23.69 -29.63
C LEU A 39 12.44 23.08 -29.21
N TYR A 40 13.17 22.49 -30.15
CA TYR A 40 14.40 21.77 -29.82
C TYR A 40 15.50 22.70 -29.36
N ASN A 41 15.50 23.96 -29.82
CA ASN A 41 16.60 24.87 -29.54
C ASN A 41 16.69 25.24 -28.06
N LEU A 42 15.62 25.08 -27.30
CA LEU A 42 15.59 25.56 -25.93
C LEU A 42 16.62 24.84 -25.06
N ALA A 43 17.11 25.54 -24.03
CA ALA A 43 18.30 25.08 -23.31
C ALA A 43 18.04 23.92 -22.35
N PRO A 44 17.14 24.00 -21.38
CA PRO A 44 17.18 23.07 -20.25
C PRO A 44 16.59 21.70 -20.52
N PHE A 45 16.39 21.33 -21.79
CA PHE A 45 15.87 20.00 -22.10
C PHE A 45 16.84 18.93 -21.63
N PHE A 46 16.29 17.91 -20.96
CA PHE A 46 17.07 16.85 -20.32
C PHE A 46 17.15 15.59 -21.17
N THR A 47 16.01 15.10 -21.66
CA THR A 47 15.97 13.88 -22.46
C THR A 47 15.00 14.09 -23.62
N PHE A 48 15.55 14.27 -24.81
CA PHE A 48 14.77 14.38 -26.04
C PHE A 48 14.96 13.06 -26.78
N LYS A 49 14.13 12.08 -26.46
CA LYS A 49 14.32 10.74 -26.97
C LYS A 49 13.25 10.47 -28.03
N CYS A 50 13.69 10.15 -29.25
CA CYS A 50 12.72 10.12 -30.31
C CYS A 50 12.89 8.86 -31.14
N TYR A 51 11.78 8.22 -31.50
CA TYR A 51 11.76 6.81 -31.89
C TYR A 51 11.52 6.59 -33.37
N GLY A 52 10.42 7.07 -33.93
CA GLY A 52 10.05 6.69 -35.28
C GLY A 52 10.63 7.57 -36.37
N VAL A 53 11.10 8.76 -36.00
CA VAL A 53 11.69 9.70 -36.96
C VAL A 53 12.94 10.30 -36.33
N SER A 54 13.84 10.75 -37.19
CA SER A 54 15.04 11.43 -36.72
C SER A 54 14.68 12.82 -36.20
N PRO A 55 15.22 13.23 -35.06
CA PRO A 55 14.77 14.48 -34.42
C PRO A 55 15.06 15.74 -35.23
N THR A 56 15.76 15.63 -36.37
CA THR A 56 16.10 16.80 -37.16
C THR A 56 15.31 16.90 -38.47
N LYS A 57 14.83 15.79 -39.02
CA LYS A 57 14.08 15.79 -40.27
C LYS A 57 12.58 15.94 -40.07
N LEU A 58 12.14 16.48 -38.93
CA LEU A 58 10.72 16.70 -38.70
C LEU A 58 10.14 17.71 -39.68
N ASN A 59 10.90 18.77 -39.98
CA ASN A 59 10.36 19.93 -40.67
C ASN A 59 9.94 19.67 -42.11
N ASP A 60 10.33 18.53 -42.69
CA ASP A 60 10.04 18.24 -44.10
C ASP A 60 8.98 17.15 -44.26
N LEU A 61 8.19 16.90 -43.21
CA LEU A 61 7.15 15.88 -43.25
C LEU A 61 5.82 16.52 -42.88
N CYS A 62 4.74 16.02 -43.47
CA CYS A 62 3.40 16.52 -43.23
C CYS A 62 2.58 15.47 -42.50
N PHE A 63 1.96 15.87 -41.39
CA PHE A 63 1.37 14.95 -40.44
C PHE A 63 -0.15 15.02 -40.54
N THR A 64 -0.79 13.85 -40.46
CA THR A 64 -2.25 13.81 -40.54
C THR A 64 -2.94 14.23 -39.25
N ASN A 65 -2.36 13.93 -38.09
CA ASN A 65 -2.92 14.38 -36.83
C ASN A 65 -1.84 14.31 -35.75
N VAL A 66 -1.85 15.28 -34.86
CA VAL A 66 -0.85 15.39 -33.80
C VAL A 66 -1.55 15.46 -32.46
N TYR A 67 -1.12 14.63 -31.51
CA TYR A 67 -1.66 14.63 -30.16
C TYR A 67 -0.52 14.83 -29.16
N ALA A 68 -0.76 15.68 -28.16
CA ALA A 68 0.24 15.99 -27.16
C ALA A 68 -0.29 15.64 -25.78
N ASP A 69 0.50 14.87 -25.02
CA ASP A 69 0.16 14.48 -23.66
C ASP A 69 1.21 15.05 -22.71
N SER A 70 0.76 15.54 -21.55
CA SER A 70 1.67 16.15 -20.59
C SER A 70 1.36 15.66 -19.20
N PHE A 71 2.41 15.43 -18.40
CA PHE A 71 2.22 15.11 -16.99
C PHE A 71 3.52 15.33 -16.24
N VAL A 72 3.50 15.00 -14.95
CA VAL A 72 4.62 15.22 -14.04
C VAL A 72 4.84 13.95 -13.24
N ILE A 73 6.06 13.41 -13.29
CA ILE A 73 6.42 12.18 -12.60
C ILE A 73 7.71 12.41 -11.82
N ARG A 74 8.14 11.38 -11.10
CA ARG A 74 9.41 11.43 -10.41
C ARG A 74 10.56 11.25 -11.40
N GLY A 75 11.75 11.72 -11.01
CA GLY A 75 12.90 11.58 -11.89
C GLY A 75 13.30 10.14 -12.12
N ASP A 76 13.13 9.30 -11.09
CA ASP A 76 13.55 7.90 -11.21
C ASP A 76 12.66 7.13 -12.18
N GLU A 77 11.44 7.58 -12.41
CA GLU A 77 10.46 6.84 -13.19
C GLU A 77 10.47 7.21 -14.67
N VAL A 78 11.27 8.19 -15.07
CA VAL A 78 11.23 8.70 -16.44
C VAL A 78 11.55 7.61 -17.46
N ARG A 79 12.37 6.62 -17.06
CA ARG A 79 12.73 5.55 -17.97
C ARG A 79 11.58 4.60 -18.25
N GLN A 80 10.46 4.72 -17.54
CA GLN A 80 9.31 3.83 -17.73
C GLN A 80 8.34 4.33 -18.79
N ILE A 81 8.59 5.49 -19.41
CA ILE A 81 7.71 6.00 -20.45
C ILE A 81 8.10 5.47 -21.83
N ALA A 82 9.25 4.82 -21.96
CA ALA A 82 9.61 4.19 -23.22
C ALA A 82 8.70 3.00 -23.50
N PRO A 83 8.44 2.69 -24.76
CA PRO A 83 7.58 1.54 -25.07
C PRO A 83 8.23 0.22 -24.67
N GLY A 84 7.39 -0.72 -24.27
CA GLY A 84 7.84 -2.05 -23.90
C GLY A 84 8.30 -2.20 -22.47
N GLN A 85 8.32 -1.13 -21.68
CA GLN A 85 8.76 -1.22 -20.30
C GLN A 85 7.65 -1.78 -19.42
N THR A 86 7.99 -2.06 -18.16
CA THR A 86 7.04 -2.63 -17.22
C THR A 86 7.36 -2.14 -15.82
N GLY A 87 6.33 -1.68 -15.12
CA GLY A 87 6.49 -1.16 -13.78
C GLY A 87 5.16 -0.75 -13.22
N LYS A 88 5.19 -0.14 -12.04
CA LYS A 88 3.95 0.33 -11.42
C LYS A 88 3.31 1.43 -12.25
N ILE A 89 4.09 2.41 -12.68
CA ILE A 89 3.56 3.52 -13.45
C ILE A 89 3.39 3.16 -14.93
N ALA A 90 4.04 2.10 -15.40
CA ALA A 90 3.88 1.64 -16.77
C ALA A 90 2.79 0.58 -16.91
N ASP A 91 2.17 0.17 -15.80
CA ASP A 91 1.07 -0.78 -15.83
C ASP A 91 -0.23 -0.22 -15.27
N TYR A 92 -0.16 0.68 -14.29
CA TYR A 92 -1.36 1.16 -13.62
C TYR A 92 -1.71 2.61 -13.93
N ASN A 93 -0.80 3.38 -14.51
CA ASN A 93 -1.07 4.78 -14.80
C ASN A 93 -1.05 5.12 -16.28
N TYR A 94 0.01 4.73 -17.00
CA TYR A 94 0.16 5.10 -18.39
C TYR A 94 1.16 4.21 -19.10
N LYS A 95 0.77 3.63 -20.23
CA LYS A 95 1.69 2.81 -21.01
C LYS A 95 1.49 3.11 -22.49
N LEU A 96 2.55 2.89 -23.27
CA LEU A 96 2.62 3.14 -24.70
C LEU A 96 2.63 1.82 -25.47
N PRO A 97 2.05 1.77 -26.66
CA PRO A 97 1.96 0.50 -27.40
C PRO A 97 3.32 0.05 -27.88
N ASP A 98 3.35 -1.17 -28.43
CA ASP A 98 4.58 -1.75 -28.96
C ASP A 98 4.90 -1.27 -30.37
N ASP A 99 3.92 -0.69 -31.07
CA ASP A 99 4.10 -0.15 -32.41
C ASP A 99 4.10 1.38 -32.39
N PHE A 100 4.72 1.96 -31.37
CA PHE A 100 4.60 3.40 -31.14
C PHE A 100 5.23 4.20 -32.27
N THR A 101 4.53 5.26 -32.68
CA THR A 101 5.05 6.24 -33.62
C THR A 101 4.88 7.62 -32.99
N GLY A 102 5.93 8.43 -33.04
CA GLY A 102 6.02 9.64 -32.26
C GLY A 102 7.10 9.48 -31.21
N CYS A 103 7.23 10.50 -30.35
CA CYS A 103 8.40 10.50 -29.48
C CYS A 103 8.27 11.54 -28.36
N VAL A 104 9.24 11.51 -27.43
CA VAL A 104 9.02 12.02 -26.08
C VAL A 104 10.11 13.01 -25.67
N ILE A 105 9.71 13.95 -24.80
CA ILE A 105 10.57 15.01 -24.29
C ILE A 105 10.36 15.12 -22.79
N ALA A 106 11.42 14.98 -22.01
CA ALA A 106 11.34 15.09 -20.55
C ALA A 106 12.38 16.08 -20.06
N TRP A 107 11.96 16.98 -19.17
CA TRP A 107 12.90 17.97 -18.63
C TRP A 107 12.61 18.25 -17.16
N ASN A 108 13.68 18.51 -16.41
CA ASN A 108 13.55 18.76 -14.98
C ASN A 108 12.79 20.05 -14.72
N SER A 109 11.97 20.04 -13.66
CA SER A 109 11.14 21.20 -13.32
C SER A 109 11.09 21.43 -11.81
N ASN A 110 12.19 21.14 -11.09
CA ASN A 110 12.19 21.28 -9.64
C ASN A 110 11.97 22.71 -9.18
N ASN A 111 12.27 23.70 -10.03
CA ASN A 111 12.18 25.10 -9.59
C ASN A 111 10.76 25.59 -9.47
N LEU A 112 9.82 24.97 -10.20
CA LEU A 112 8.45 25.46 -10.28
C LEU A 112 7.45 24.63 -9.49
N ASP A 113 7.46 23.30 -9.66
CA ASP A 113 6.42 22.47 -9.08
C ASP A 113 6.56 22.36 -7.57
N SER A 114 7.77 22.14 -7.08
CA SER A 114 7.98 21.85 -5.66
C SER A 114 7.77 23.09 -4.80
N LYS A 115 7.25 22.87 -3.59
CA LYS A 115 7.08 23.92 -2.61
C LYS A 115 7.71 23.49 -1.29
N VAL A 116 8.28 24.46 -0.58
CA VAL A 116 8.94 24.18 0.68
C VAL A 116 7.92 23.77 1.74
N GLY A 117 6.73 24.39 1.72
CA GLY A 117 5.71 24.07 2.70
C GLY A 117 5.01 22.75 2.45
N GLY A 118 5.25 22.11 1.31
CA GLY A 118 4.64 20.82 1.04
C GLY A 118 3.58 20.88 -0.04
N ASN A 119 3.87 20.30 -1.20
CA ASN A 119 2.93 20.24 -2.32
C ASN A 119 2.26 18.88 -2.29
N TYR A 120 0.92 18.87 -2.15
CA TYR A 120 0.18 17.62 -2.01
C TYR A 120 -0.99 17.57 -2.99
N ASN A 121 -0.74 17.88 -4.26
CA ASN A 121 -1.78 17.85 -5.28
C ASN A 121 -1.34 17.08 -6.52
N TYR A 122 -0.37 16.17 -6.39
CA TYR A 122 0.11 15.35 -7.50
C TYR A 122 -0.05 13.89 -7.09
N LEU A 123 -1.10 13.25 -7.56
CA LEU A 123 -1.45 11.90 -7.17
C LEU A 123 -1.00 10.89 -8.21
N TYR A 124 -1.07 9.61 -7.84
CA TYR A 124 -0.81 8.53 -8.78
C TYR A 124 -1.43 7.26 -8.24
N ARG A 125 -1.89 6.41 -9.15
CA ARG A 125 -2.53 5.16 -8.77
C ARG A 125 -1.50 4.17 -8.24
N LEU A 126 -1.88 3.45 -7.19
CA LEU A 126 -1.01 2.49 -6.53
C LEU A 126 -1.49 1.05 -6.59
N PHE A 127 -2.80 0.82 -6.61
CA PHE A 127 -3.36 -0.52 -6.76
C PHE A 127 -4.32 -0.57 -7.93
N ARG A 128 -4.35 -1.72 -8.59
CA ARG A 128 -5.32 -1.97 -9.66
C ARG A 128 -5.44 -3.47 -9.85
N LYS A 129 -6.53 -3.89 -10.48
CA LYS A 129 -6.82 -5.32 -10.59
C LYS A 129 -6.19 -5.98 -11.80
N SER A 130 -5.94 -5.23 -12.87
CA SER A 130 -5.37 -5.81 -14.08
C SER A 130 -4.60 -4.75 -14.85
N ASN A 131 -3.69 -5.21 -15.70
CA ASN A 131 -2.91 -4.31 -16.53
C ASN A 131 -3.81 -3.63 -17.56
N LEU A 132 -3.56 -2.34 -17.79
CA LEU A 132 -4.37 -1.57 -18.73
C LEU A 132 -3.77 -1.61 -20.13
N LYS A 133 -4.59 -1.25 -21.11
CA LYS A 133 -4.23 -1.23 -22.52
C LYS A 133 -3.68 0.14 -22.91
N PRO A 134 -2.93 0.22 -24.01
CA PRO A 134 -2.24 1.48 -24.34
C PRO A 134 -3.21 2.63 -24.53
N PHE A 135 -2.77 3.81 -24.10
CA PHE A 135 -3.51 5.07 -24.26
C PHE A 135 -4.90 4.99 -23.63
N GLU A 136 -5.00 4.32 -22.48
CA GLU A 136 -6.25 4.20 -21.75
C GLU A 136 -6.16 4.95 -20.43
N ARG A 137 -7.25 5.61 -20.06
CA ARG A 137 -7.31 6.43 -18.86
C ARG A 137 -8.49 6.00 -18.00
N ASP A 138 -8.31 6.06 -16.69
CA ASP A 138 -9.40 5.80 -15.76
C ASP A 138 -9.35 6.82 -14.62
N ILE A 139 -10.52 7.15 -14.10
CA ILE A 139 -10.64 8.16 -13.06
C ILE A 139 -11.31 7.63 -11.79
N SER A 140 -12.11 6.57 -11.88
CA SER A 140 -12.88 6.09 -10.74
C SER A 140 -11.98 5.74 -9.57
N THR A 141 -12.43 6.08 -8.36
CA THR A 141 -11.69 5.84 -7.14
C THR A 141 -12.41 4.84 -6.23
N GLU A 142 -12.93 3.77 -6.83
CA GLU A 142 -13.58 2.73 -6.04
C GLU A 142 -12.58 2.08 -5.09
N ILE A 143 -13.05 1.77 -3.88
CA ILE A 143 -12.18 1.20 -2.86
C ILE A 143 -11.70 -0.16 -3.31
N TYR A 144 -10.37 -0.32 -3.39
CA TYR A 144 -9.78 -1.57 -3.84
C TYR A 144 -9.80 -2.58 -2.71
N GLN A 145 -10.36 -3.76 -2.97
CA GLN A 145 -10.43 -4.82 -1.98
C GLN A 145 -9.38 -5.88 -2.28
N ALA A 146 -8.69 -6.34 -1.24
CA ALA A 146 -7.63 -7.33 -1.38
C ALA A 146 -8.04 -8.70 -0.87
N GLY A 147 -8.75 -8.76 0.26
CA GLY A 147 -9.17 -10.03 0.79
C GLY A 147 -10.26 -10.68 -0.04
N ASN A 148 -10.53 -11.94 0.28
CA ASN A 148 -11.56 -12.70 -0.42
C ASN A 148 -12.97 -12.28 -0.03
N LYS A 149 -13.13 -11.48 1.02
CA LYS A 149 -14.42 -11.06 1.53
C LYS A 149 -14.79 -9.68 0.99
N PRO A 150 -16.07 -9.44 0.71
CA PRO A 150 -16.45 -8.18 0.06
C PRO A 150 -16.29 -6.99 0.99
N CYS A 151 -16.06 -5.82 0.38
CA CYS A 151 -15.80 -4.58 1.10
C CYS A 151 -16.65 -3.47 0.52
N ASN A 152 -16.95 -2.48 1.34
CA ASN A 152 -17.75 -1.33 0.92
C ASN A 152 -17.55 -0.20 1.92
N GLY A 153 -18.03 0.99 1.55
CA GLY A 153 -18.04 2.12 2.45
C GLY A 153 -16.68 2.70 2.76
N VAL A 154 -16.21 2.51 3.98
CA VAL A 154 -15.01 3.17 4.48
C VAL A 154 -13.87 2.14 4.50
N ALA A 155 -12.64 2.65 4.48
CA ALA A 155 -11.45 1.81 4.45
C ALA A 155 -11.30 1.04 5.75
N GLY A 156 -10.23 0.26 5.83
CA GLY A 156 -9.98 -0.59 6.98
C GLY A 156 -9.02 -1.73 6.67
N PHE A 157 -9.42 -2.95 7.03
CA PHE A 157 -8.62 -4.13 6.72
C PHE A 157 -8.93 -4.61 5.31
N ASN A 158 -7.88 -4.75 4.50
CA ASN A 158 -8.01 -5.16 3.09
C ASN A 158 -8.94 -4.23 2.32
N CYS A 159 -8.96 -2.95 2.69
CA CYS A 159 -9.75 -1.93 2.01
C CYS A 159 -8.90 -0.66 2.01
N TYR A 160 -8.19 -0.43 0.91
CA TYR A 160 -7.23 0.66 0.82
C TYR A 160 -7.64 1.66 -0.24
N PHE A 161 -7.36 2.93 0.01
CA PHE A 161 -7.63 3.99 -0.95
C PHE A 161 -6.59 3.93 -2.06
N PRO A 162 -6.98 3.84 -3.33
CA PRO A 162 -6.03 3.49 -4.40
C PRO A 162 -5.07 4.61 -4.78
N LEU A 163 -5.18 5.81 -4.20
CA LEU A 163 -4.39 6.95 -4.63
C LEU A 163 -3.56 7.48 -3.47
N ARG A 164 -2.27 7.65 -3.69
CA ARG A 164 -1.39 8.33 -2.75
C ARG A 164 -0.99 9.68 -3.33
N SER A 165 -0.21 10.43 -2.55
CA SER A 165 0.17 11.79 -2.93
C SER A 165 1.69 11.90 -2.96
N TYR A 166 2.20 12.50 -4.03
CA TYR A 166 3.63 12.77 -4.12
C TYR A 166 4.06 13.75 -3.05
N SER A 167 5.27 13.56 -2.53
CA SER A 167 5.87 14.47 -1.55
C SER A 167 7.05 15.14 -2.22
N PHE A 168 6.84 16.36 -2.71
CA PHE A 168 7.84 17.10 -3.48
C PHE A 168 8.38 18.24 -2.63
N ARG A 169 9.65 18.15 -2.26
CA ARG A 169 10.33 19.20 -1.52
C ARG A 169 11.70 19.44 -2.13
N PRO A 170 12.21 20.68 -2.08
CA PRO A 170 13.52 20.96 -2.67
C PRO A 170 14.67 20.25 -1.98
N THR A 171 14.48 19.79 -0.75
CA THR A 171 15.58 19.18 -0.01
C THR A 171 15.93 17.78 -0.51
N TYR A 172 15.00 17.12 -1.20
CA TYR A 172 15.28 15.78 -1.72
C TYR A 172 16.37 15.83 -2.78
N GLY A 173 17.19 14.78 -2.81
CA GLY A 173 18.27 14.68 -3.76
C GLY A 173 17.79 14.32 -5.14
N VAL A 174 18.74 14.28 -6.08
CA VAL A 174 18.41 13.96 -7.47
C VAL A 174 17.85 12.55 -7.55
N GLY A 175 16.75 12.41 -8.27
CA GLY A 175 16.04 11.14 -8.38
C GLY A 175 14.66 11.16 -7.75
N HIS A 176 14.33 12.16 -6.93
CA HIS A 176 13.00 12.28 -6.35
C HIS A 176 12.28 13.55 -6.78
N GLN A 177 12.95 14.50 -7.41
CA GLN A 177 12.34 15.75 -7.82
C GLN A 177 11.56 15.57 -9.13
N PRO A 178 10.53 16.39 -9.35
CA PRO A 178 9.64 16.15 -10.49
C PRO A 178 10.29 16.46 -11.82
N TYR A 179 10.01 15.62 -12.82
CA TYR A 179 10.44 15.82 -14.20
C TYR A 179 9.19 15.93 -15.07
N ARG A 180 9.00 17.10 -15.68
CA ARG A 180 7.85 17.28 -16.56
C ARG A 180 8.05 16.52 -17.86
N VAL A 181 7.04 15.76 -18.28
CA VAL A 181 7.14 14.88 -19.43
C VAL A 181 6.04 15.22 -20.41
N VAL A 182 6.41 15.29 -21.70
CA VAL A 182 5.51 15.54 -22.81
C VAL A 182 5.74 14.46 -23.87
N VAL A 183 4.66 13.92 -24.40
CA VAL A 183 4.71 12.88 -25.42
C VAL A 183 3.93 13.35 -26.63
N LEU A 184 4.56 13.29 -27.80
CA LEU A 184 3.90 13.65 -29.05
C LEU A 184 3.63 12.39 -29.85
N SER A 185 2.42 12.26 -30.37
CA SER A 185 2.03 11.11 -31.17
C SER A 185 1.44 11.60 -32.49
N PHE A 186 1.71 10.85 -33.55
CA PHE A 186 1.23 11.20 -34.89
C PHE A 186 1.33 9.98 -35.80
N GLU A 187 0.63 10.06 -36.93
CA GLU A 187 0.65 9.04 -37.97
C GLU A 187 1.33 9.60 -39.21
N LEU A 188 1.75 8.70 -40.10
CA LEU A 188 2.57 9.08 -41.25
C LEU A 188 1.99 8.56 -42.55
N LEU A 189 1.78 9.47 -43.50
CA LEU A 189 1.62 9.16 -44.93
C LEU A 189 0.55 8.11 -45.19
N HIS A 190 -0.64 8.33 -44.63
CA HIS A 190 -1.78 7.48 -44.97
C HIS A 190 -3.08 8.28 -45.07
N ALA A 191 -3.05 9.60 -44.99
CA ALA A 191 -4.25 10.41 -44.92
C ALA A 191 -3.92 11.81 -45.39
N PRO A 192 -4.93 12.64 -45.68
CA PRO A 192 -4.65 14.02 -46.05
C PRO A 192 -3.88 14.76 -44.96
N ALA A 193 -2.92 15.57 -45.38
CA ALA A 193 -2.07 16.28 -44.44
C ALA A 193 -2.84 17.40 -43.76
N THR A 194 -2.54 17.60 -42.48
CA THR A 194 -3.19 18.67 -41.72
C THR A 194 -2.19 19.57 -41.01
N VAL A 195 -1.10 19.02 -40.48
CA VAL A 195 -0.11 19.79 -39.73
C VAL A 195 1.26 19.54 -40.35
N CYS A 196 1.92 20.61 -40.78
CA CYS A 196 3.32 20.58 -41.20
C CYS A 196 3.79 21.99 -41.51
N GLY A 197 5.10 22.17 -41.40
CA GLY A 197 5.72 23.45 -41.63
C GLY A 197 6.54 23.48 -42.90
N PRO A 198 7.16 24.62 -43.18
CA PRO A 198 7.94 24.76 -44.41
C PRO A 198 9.28 24.06 -44.31
N LYS A 199 9.83 23.73 -45.47
CA LYS A 199 11.17 23.16 -45.57
C LYS A 199 12.17 24.28 -45.87
N LYS A 200 13.24 24.34 -45.08
CA LYS A 200 14.22 25.41 -45.23
C LYS A 200 15.12 25.15 -46.42
N SER A 201 15.76 26.22 -46.88
CA SER A 201 16.65 26.14 -48.04
C SER A 201 17.93 26.92 -47.80
N GLN B 1 11.12 -21.34 4.50
CA GLN B 1 9.75 -21.18 4.97
C GLN B 1 9.47 -19.73 5.36
N MET B 2 8.19 -19.41 5.55
CA MET B 2 7.76 -18.04 5.83
C MET B 2 7.75 -17.82 7.33
N GLN B 3 8.44 -16.79 7.79
CA GLN B 3 8.65 -16.60 9.22
C GLN B 3 9.17 -15.19 9.47
N LEU B 4 8.91 -14.66 10.66
CA LEU B 4 9.43 -13.36 11.08
C LEU B 4 10.33 -13.55 12.30
N VAL B 5 11.50 -12.91 12.28
CA VAL B 5 12.44 -12.93 13.38
C VAL B 5 12.58 -11.53 13.94
N GLN B 6 12.53 -11.40 15.25
CA GLN B 6 12.59 -10.12 15.93
C GLN B 6 13.99 -9.88 16.48
N SER B 7 14.13 -8.83 17.28
CA SER B 7 15.40 -8.51 17.91
C SER B 7 15.61 -9.40 19.14
N GLY B 8 16.60 -9.05 19.96
CA GLY B 8 16.90 -9.82 21.15
C GLY B 8 16.30 -9.19 22.40
N PRO B 9 16.46 -9.86 23.54
CA PRO B 9 15.96 -9.31 24.80
C PRO B 9 16.63 -7.98 25.12
N GLU B 10 15.86 -7.06 25.69
CA GLU B 10 16.33 -5.71 25.93
C GLU B 10 16.02 -5.25 27.35
N VAL B 11 17.00 -4.58 27.94
CA VAL B 11 16.87 -3.96 29.26
C VAL B 11 17.08 -2.47 29.08
N LYS B 12 16.21 -1.67 29.69
CA LYS B 12 16.24 -0.23 29.49
C LYS B 12 15.95 0.47 30.82
N LYS B 13 16.30 1.75 30.87
CA LYS B 13 16.14 2.61 32.04
C LYS B 13 14.90 3.48 31.88
N PRO B 14 14.21 3.82 32.97
CA PRO B 14 13.06 4.71 32.86
C PRO B 14 13.45 6.07 32.28
N GLY B 15 12.53 6.64 31.50
CA GLY B 15 12.71 7.95 30.92
C GLY B 15 13.23 7.96 29.50
N THR B 16 14.19 7.10 29.18
CA THR B 16 14.85 7.12 27.87
C THR B 16 13.91 6.51 26.82
N SER B 17 14.45 6.23 25.63
CA SER B 17 13.66 5.71 24.53
C SER B 17 14.22 4.36 24.09
N VAL B 18 13.33 3.53 23.52
CA VAL B 18 13.67 2.20 23.07
C VAL B 18 13.22 2.04 21.62
N LYS B 19 13.87 1.10 20.93
CA LYS B 19 13.74 0.95 19.48
C LYS B 19 13.79 -0.54 19.15
N VAL B 20 12.68 -1.06 18.63
CA VAL B 20 12.49 -2.50 18.44
C VAL B 20 12.26 -2.77 16.95
N SER B 21 12.77 -3.90 16.48
CA SER B 21 12.71 -4.24 15.06
C SER B 21 12.22 -5.66 14.87
N CYS B 22 11.52 -5.90 13.77
CA CYS B 22 11.24 -7.28 13.36
C CYS B 22 11.30 -7.38 11.84
N LYS B 23 12.01 -8.40 11.35
CA LYS B 23 12.30 -8.56 9.93
C LYS B 23 11.90 -9.96 9.47
N ALA B 24 11.42 -10.04 8.24
CA ALA B 24 10.99 -11.32 7.68
C ALA B 24 12.20 -12.19 7.36
N SER B 25 11.90 -13.44 6.99
CA SER B 25 12.91 -14.39 6.54
C SER B 25 12.34 -15.17 5.37
N GLY B 26 12.94 -15.02 4.20
CA GLY B 26 12.38 -15.61 2.99
C GLY B 26 11.01 -15.07 2.65
N PHE B 27 10.77 -13.79 2.90
CA PHE B 27 9.45 -13.19 2.77
C PHE B 27 9.63 -11.69 2.59
N THR B 28 8.76 -11.09 1.78
CA THR B 28 8.86 -9.67 1.45
C THR B 28 7.54 -8.99 1.78
N PHE B 29 7.64 -7.75 2.27
CA PHE B 29 6.45 -6.98 2.63
C PHE B 29 5.63 -6.55 1.43
N THR B 30 6.16 -6.71 0.22
CA THR B 30 5.49 -6.35 -1.03
C THR B 30 4.79 -5.01 -0.89
N ASP B 31 3.52 -4.91 -1.29
CA ASP B 31 2.82 -3.63 -1.36
C ASP B 31 1.46 -3.64 -0.67
N VAL B 32 0.83 -4.80 -0.48
CA VAL B 32 -0.49 -4.89 0.13
C VAL B 32 -0.39 -5.33 1.59
N SER B 33 0.72 -5.91 2.01
CA SER B 33 0.84 -6.49 3.34
C SER B 33 0.68 -5.43 4.43
N SER B 34 0.01 -5.82 5.51
CA SER B 34 -0.13 -5.00 6.70
C SER B 34 0.76 -5.57 7.81
N LEU B 35 0.75 -4.90 8.96
CA LEU B 35 1.55 -5.37 10.10
C LEU B 35 1.07 -4.70 11.37
N GLN B 36 0.67 -5.49 12.37
CA GLN B 36 0.15 -4.96 13.62
C GLN B 36 1.08 -5.30 14.77
N TRP B 37 1.06 -4.45 15.79
CA TRP B 37 1.92 -4.59 16.96
C TRP B 37 1.07 -4.79 18.20
N VAL B 38 1.41 -5.80 19.00
CA VAL B 38 0.70 -6.07 20.24
C VAL B 38 1.70 -6.16 21.38
N ARG B 39 1.20 -5.92 22.60
CA ARG B 39 1.99 -5.94 23.82
C ARG B 39 1.31 -6.83 24.83
N GLN B 40 2.08 -7.63 25.57
CA GLN B 40 1.48 -8.63 26.44
C GLN B 40 2.38 -8.86 27.64
N ALA B 41 1.79 -8.86 28.83
CA ALA B 41 2.53 -9.00 30.08
C ALA B 41 2.80 -10.48 30.36
N ARG B 42 3.15 -10.82 31.59
CA ARG B 42 3.39 -12.23 31.93
C ARG B 42 2.04 -12.81 32.32
N GLY B 43 1.37 -13.42 31.36
CA GLY B 43 0.10 -14.08 31.62
C GLY B 43 -1.06 -13.17 31.93
N GLN B 44 -1.25 -12.11 31.14
CA GLN B 44 -2.40 -11.22 31.30
C GLN B 44 -2.97 -10.92 29.91
N ARG B 45 -3.91 -9.97 29.87
CA ARG B 45 -4.66 -9.69 28.66
C ARG B 45 -3.77 -9.09 27.57
N LEU B 46 -4.08 -9.43 26.33
CA LEU B 46 -3.39 -8.85 25.20
C LEU B 46 -3.72 -7.37 25.07
N GLU B 47 -2.72 -6.57 24.70
CA GLU B 47 -2.90 -5.14 24.49
C GLU B 47 -2.48 -4.79 23.07
N TRP B 48 -3.25 -3.92 22.43
CA TRP B 48 -3.09 -3.58 21.02
C TRP B 48 -2.44 -2.21 20.89
N ILE B 49 -1.46 -2.11 19.99
CA ILE B 49 -0.69 -0.89 19.82
C ILE B 49 -1.14 -0.14 18.57
N GLY B 50 -0.96 -0.76 17.41
CA GLY B 50 -1.34 -0.12 16.16
C GLY B 50 -0.86 -0.91 14.97
N TRP B 51 -1.31 -0.49 13.80
CA TRP B 51 -1.00 -1.18 12.55
C TRP B 51 -0.75 -0.16 11.45
N THR B 52 0.11 -0.51 10.52
CA THR B 52 0.46 0.35 9.39
C THR B 52 0.47 -0.47 8.10
N VAL B 53 0.10 0.19 7.01
CA VAL B 53 0.20 -0.41 5.68
C VAL B 53 1.52 0.03 5.05
N VAL B 54 2.30 -0.95 4.59
CA VAL B 54 3.62 -0.63 4.04
C VAL B 54 3.49 0.18 2.76
N GLY B 55 2.46 -0.08 1.95
CA GLY B 55 2.32 0.60 0.68
C GLY B 55 1.96 2.06 0.77
N THR B 56 0.74 2.36 1.25
CA THR B 56 0.28 3.75 1.29
C THR B 56 0.94 4.54 2.42
N GLY B 57 1.47 3.86 3.44
CA GLY B 57 2.11 4.54 4.55
C GLY B 57 1.15 5.10 5.59
N ASN B 58 -0.15 4.90 5.42
CA ASN B 58 -1.12 5.38 6.39
C ASN B 58 -1.03 4.56 7.67
N THR B 59 -1.17 5.24 8.80
CA THR B 59 -0.97 4.63 10.11
C THR B 59 -2.22 4.81 10.98
N ASN B 60 -2.22 4.09 12.09
CA ASN B 60 -3.30 4.15 13.06
C ASN B 60 -2.74 3.81 14.44
N TYR B 61 -3.23 4.50 15.46
CA TYR B 61 -2.74 4.31 16.82
C TYR B 61 -3.91 4.18 17.79
N ALA B 62 -3.64 3.52 18.91
CA ALA B 62 -4.60 3.52 20.01
C ALA B 62 -4.57 4.87 20.72
N PRO B 63 -5.71 5.33 21.26
CA PRO B 63 -5.72 6.65 21.91
C PRO B 63 -4.83 6.75 23.14
N ARG B 64 -4.47 5.62 23.76
CA ARG B 64 -3.54 5.67 24.89
C ARG B 64 -2.10 5.90 24.45
N PHE B 65 -1.74 5.42 23.25
CA PHE B 65 -0.39 5.58 22.71
C PHE B 65 -0.33 6.67 21.64
N GLN B 66 -1.18 7.69 21.74
CA GLN B 66 -1.24 8.70 20.69
C GLN B 66 -0.07 9.67 20.74
N GLU B 67 0.68 9.71 21.84
CA GLU B 67 1.67 10.75 22.05
C GLU B 67 3.11 10.26 22.11
N ARG B 68 3.36 9.00 22.45
CA ARG B 68 4.72 8.55 22.73
C ARG B 68 5.03 7.19 22.10
N VAL B 69 4.63 6.99 20.84
CA VAL B 69 5.04 5.80 20.09
C VAL B 69 4.98 6.11 18.61
N THR B 70 5.88 5.48 17.85
CA THR B 70 5.96 5.67 16.41
C THR B 70 6.21 4.34 15.72
N ILE B 71 5.51 4.10 14.62
CA ILE B 71 5.63 2.86 13.85
C ILE B 71 6.15 3.21 12.46
N THR B 72 7.17 2.48 12.01
CA THR B 72 7.83 2.78 10.74
C THR B 72 8.05 1.49 9.98
N THR B 73 8.01 1.58 8.65
CA THR B 73 8.26 0.44 7.77
C THR B 73 9.36 0.79 6.78
N ASP B 74 10.02 -0.24 6.26
CA ASP B 74 11.10 -0.06 5.29
C ASP B 74 11.02 -1.19 4.26
N LYS B 75 10.56 -0.84 3.06
CA LYS B 75 10.50 -1.80 1.97
C LYS B 75 11.89 -2.23 1.50
N SER B 76 12.90 -1.37 1.68
CA SER B 76 14.23 -1.63 1.14
C SER B 76 14.77 -2.98 1.62
N THR B 77 14.93 -3.12 2.93
CA THR B 77 15.33 -4.37 3.53
C THR B 77 14.17 -5.15 4.14
N SER B 78 12.94 -4.68 3.94
CA SER B 78 11.72 -5.37 4.36
C SER B 78 11.72 -5.57 5.89
N THR B 79 11.66 -4.45 6.60
CA THR B 79 11.73 -4.46 8.05
C THR B 79 10.71 -3.49 8.64
N ALA B 80 10.41 -3.69 9.93
CA ALA B 80 9.45 -2.87 10.65
C ALA B 80 10.02 -2.47 12.00
N TYR B 81 9.77 -1.21 12.38
CA TYR B 81 10.36 -0.57 13.54
C TYR B 81 9.29 0.02 14.44
N MET B 82 9.48 -0.15 15.76
CA MET B 82 8.75 0.57 16.78
C MET B 82 9.71 1.46 17.54
N GLU B 83 9.28 2.70 17.80
CA GLU B 83 10.03 3.63 18.64
C GLU B 83 9.14 4.04 19.80
N LEU B 84 9.61 3.80 21.03
CA LEU B 84 8.86 4.13 22.24
C LEU B 84 9.66 5.14 23.04
N SER B 85 8.98 6.14 23.59
CA SER B 85 9.62 7.21 24.33
C SER B 85 9.03 7.30 25.73
N SER B 86 9.84 7.80 26.67
CA SER B 86 9.45 7.98 28.07
C SER B 86 9.06 6.64 28.71
N LEU B 87 9.99 5.69 28.66
CA LEU B 87 9.73 4.37 29.21
C LEU B 87 9.54 4.45 30.72
N ARG B 88 8.75 3.50 31.24
CA ARG B 88 8.44 3.44 32.66
C ARG B 88 8.60 2.02 33.16
N SER B 89 8.70 1.88 34.48
CA SER B 89 9.02 0.59 35.09
C SER B 89 7.88 -0.41 35.01
N GLU B 90 6.68 0.00 34.63
CA GLU B 90 5.55 -0.91 34.48
C GLU B 90 5.33 -1.32 33.02
N ASP B 91 6.27 -1.03 32.14
CA ASP B 91 6.16 -1.40 30.72
C ASP B 91 6.92 -2.69 30.41
N THR B 92 7.46 -3.36 31.41
CA THR B 92 8.15 -4.64 31.22
C THR B 92 7.18 -5.67 30.67
N ALA B 93 7.39 -6.11 29.43
CA ALA B 93 6.43 -6.98 28.77
C ALA B 93 7.10 -7.65 27.58
N VAL B 94 6.29 -8.24 26.70
CA VAL B 94 6.75 -8.84 25.46
C VAL B 94 5.94 -8.22 24.32
N TYR B 95 6.63 -7.83 23.25
CA TYR B 95 6.01 -7.17 22.11
C TYR B 95 6.08 -8.09 20.90
N TYR B 96 4.98 -8.17 20.16
CA TYR B 96 4.89 -9.02 18.98
C TYR B 96 4.45 -8.19 17.77
N CYS B 97 4.93 -8.59 16.60
CA CYS B 97 4.48 -8.03 15.33
C CYS B 97 3.91 -9.15 14.47
N ALA B 98 2.76 -8.88 13.84
CA ALA B 98 2.04 -9.89 13.09
C ALA B 98 1.68 -9.37 11.71
N ALA B 99 1.61 -10.29 10.75
CA ALA B 99 1.31 -9.97 9.36
C ALA B 99 0.84 -11.24 8.68
N PRO B 100 -0.04 -11.13 7.69
CA PRO B 100 -0.53 -12.32 6.98
C PRO B 100 0.27 -12.65 5.74
N PHE B 101 0.06 -13.87 5.24
CA PHE B 101 0.57 -14.23 3.92
C PHE B 101 0.01 -13.28 2.88
N CYS B 102 0.88 -12.71 2.05
CA CYS B 102 0.36 -11.74 1.09
C CYS B 102 1.39 -11.39 0.02
N SER B 103 1.00 -11.46 -1.26
CA SER B 103 1.98 -11.25 -2.33
C SER B 103 1.31 -10.64 -3.56
N GLU B 104 1.34 -9.30 -3.63
CA GLU B 104 1.36 -8.53 -4.87
C GLU B 104 0.06 -8.51 -5.66
N THR B 105 -0.89 -9.40 -5.37
CA THR B 105 -2.15 -9.40 -6.10
C THR B 105 -3.36 -9.24 -5.18
N SER B 106 -3.49 -10.11 -4.19
CA SER B 106 -4.61 -10.19 -3.26
C SER B 106 -4.24 -11.24 -2.24
N CYS B 107 -4.77 -11.10 -1.03
CA CYS B 107 -4.23 -11.89 0.07
C CYS B 107 -5.23 -11.99 1.21
N SER B 108 -4.76 -12.52 2.34
CA SER B 108 -5.61 -13.12 3.36
C SER B 108 -6.28 -12.07 4.23
N ASP B 109 -7.02 -12.56 5.23
CA ASP B 109 -7.79 -11.72 6.15
C ASP B 109 -7.58 -12.16 7.60
N GLY B 110 -6.41 -12.70 7.91
CA GLY B 110 -6.11 -13.12 9.26
C GLY B 110 -4.64 -13.05 9.58
N PHE B 111 -4.30 -12.57 10.78
CA PHE B 111 -2.90 -12.40 11.18
C PHE B 111 -2.30 -13.77 11.47
N ASP B 112 -1.85 -14.42 10.40
CA ASP B 112 -1.33 -15.77 10.52
C ASP B 112 0.05 -15.78 11.17
N LEU B 113 1.01 -15.10 10.55
CA LEU B 113 2.38 -15.11 11.06
C LEU B 113 2.49 -14.25 12.33
N TRP B 114 3.28 -14.74 13.27
CA TRP B 114 3.52 -14.05 14.53
C TRP B 114 5.01 -14.14 14.86
N GLY B 115 5.52 -13.11 15.54
CA GLY B 115 6.91 -13.08 15.90
C GLY B 115 7.24 -13.98 17.07
N GLN B 116 8.54 -14.09 17.37
CA GLN B 116 9.00 -14.91 18.48
C GLN B 116 8.95 -14.19 19.82
N GLY B 117 8.71 -12.89 19.82
CA GLY B 117 8.59 -12.15 21.06
C GLY B 117 9.92 -11.71 21.64
N THR B 118 10.01 -10.43 22.00
CA THR B 118 11.19 -9.87 22.65
C THR B 118 10.80 -9.33 24.01
N LYS B 119 11.54 -9.74 25.03
CA LYS B 119 11.27 -9.28 26.39
C LYS B 119 11.92 -7.93 26.62
N VAL B 120 11.11 -6.94 27.01
CA VAL B 120 11.60 -5.60 27.32
C VAL B 120 11.40 -5.38 28.81
N THR B 121 12.50 -5.18 29.53
CA THR B 121 12.46 -5.00 30.99
C THR B 121 13.00 -3.62 31.33
N VAL B 122 12.26 -2.90 32.17
CA VAL B 122 12.61 -1.55 32.57
C VAL B 122 12.81 -1.53 34.08
N SER B 123 14.00 -1.13 34.52
CA SER B 123 14.30 -1.02 35.94
C SER B 123 15.54 -0.16 36.18
N GLU C 1 -13.34 1.45 22.84
CA GLU C 1 -14.50 1.68 21.99
C GLU C 1 -15.44 0.48 22.03
N ILE C 2 -14.89 -0.71 21.85
CA ILE C 2 -15.64 -1.95 21.89
C ILE C 2 -15.00 -2.89 22.90
N VAL C 3 -15.81 -3.76 23.48
CA VAL C 3 -15.35 -4.73 24.47
C VAL C 3 -15.89 -6.10 24.10
N LEU C 4 -15.07 -7.13 24.31
CA LEU C 4 -15.41 -8.51 23.97
C LEU C 4 -15.33 -9.34 25.24
N THR C 5 -16.46 -9.51 25.92
CA THR C 5 -16.50 -10.33 27.13
C THR C 5 -16.62 -11.79 26.77
N GLN C 6 -15.84 -12.63 27.44
CA GLN C 6 -15.75 -14.06 27.12
C GLN C 6 -16.36 -14.89 28.25
N SER C 7 -16.86 -16.07 27.89
CA SER C 7 -17.44 -16.99 28.86
C SER C 7 -17.47 -18.38 28.25
N PRO C 8 -17.52 -19.43 29.08
CA PRO C 8 -17.35 -19.38 30.53
C PRO C 8 -15.86 -19.25 30.89
N GLY C 9 -15.58 -18.86 32.13
CA GLY C 9 -14.20 -18.63 32.53
C GLY C 9 -13.34 -19.88 32.45
N THR C 10 -13.87 -21.01 32.90
CA THR C 10 -13.11 -22.25 32.91
C THR C 10 -13.99 -23.39 32.45
N LEU C 11 -13.43 -24.31 31.67
CA LEU C 11 -14.12 -25.50 31.21
C LEU C 11 -13.24 -26.71 31.44
N SER C 12 -13.85 -27.79 31.93
CA SER C 12 -13.12 -29.02 32.24
C SER C 12 -13.97 -30.21 31.80
N LEU C 13 -13.59 -30.83 30.68
CA LEU C 13 -14.26 -32.02 30.19
C LEU C 13 -13.23 -33.10 29.89
N SER C 14 -13.70 -34.34 29.85
CA SER C 14 -12.83 -35.47 29.55
C SER C 14 -12.35 -35.40 28.10
N PRO C 15 -11.12 -35.86 27.83
CA PRO C 15 -10.63 -35.84 26.45
C PRO C 15 -11.43 -36.75 25.53
N GLY C 16 -12.13 -36.14 24.58
CA GLY C 16 -12.98 -36.88 23.67
C GLY C 16 -14.35 -36.27 23.51
N ASP C 17 -14.68 -35.31 24.37
CA ASP C 17 -15.96 -34.65 24.34
C ASP C 17 -15.88 -33.33 23.56
N ARG C 18 -17.05 -32.79 23.23
CA ARG C 18 -17.16 -31.54 22.49
C ARG C 18 -17.26 -30.39 23.47
N ALA C 19 -16.53 -29.31 23.19
CA ALA C 19 -16.52 -28.14 24.05
C ALA C 19 -16.91 -26.90 23.25
N THR C 20 -17.46 -25.91 23.96
CA THR C 20 -17.91 -24.68 23.33
C THR C 20 -17.49 -23.49 24.17
N LEU C 21 -17.22 -22.37 23.49
CA LEU C 21 -16.84 -21.11 24.11
C LEU C 21 -17.57 -19.98 23.42
N SER C 22 -17.89 -18.92 24.17
CA SER C 22 -18.65 -17.81 23.63
C SER C 22 -17.97 -16.50 23.99
N CYS C 23 -18.00 -15.54 23.06
CA CYS C 23 -17.56 -14.19 23.32
C CYS C 23 -18.52 -13.21 22.66
N ARG C 24 -18.84 -12.14 23.37
CA ARG C 24 -19.89 -11.22 22.95
C ARG C 24 -19.41 -9.77 23.07
N ALA C 25 -19.97 -8.93 22.21
CA ALA C 25 -19.67 -7.50 22.18
C ALA C 25 -20.91 -6.70 22.59
N SER C 26 -20.78 -5.39 22.58
CA SER C 26 -21.88 -4.51 22.99
C SER C 26 -22.26 -3.48 21.94
N GLN C 27 -21.28 -2.90 21.25
CA GLN C 27 -21.53 -1.88 20.23
C GLN C 27 -21.78 -2.56 18.89
N SER C 28 -21.70 -1.79 17.80
CA SER C 28 -22.00 -2.28 16.46
C SER C 28 -21.31 -3.61 16.19
N VAL C 29 -22.00 -4.48 15.48
CA VAL C 29 -21.61 -5.88 15.30
C VAL C 29 -21.21 -6.11 13.85
N ARG C 30 -20.01 -6.67 13.66
CA ARG C 30 -19.56 -7.14 12.36
C ARG C 30 -19.32 -8.64 12.44
N ILE C 31 -19.53 -9.34 11.33
CA ILE C 31 -19.57 -10.79 11.34
C ILE C 31 -18.25 -11.40 10.90
N SER C 32 -17.84 -11.11 9.67
CA SER C 32 -16.72 -11.81 9.05
C SER C 32 -15.35 -11.28 9.47
N TYR C 33 -15.28 -10.43 10.47
CA TYR C 33 -14.03 -9.85 10.94
C TYR C 33 -13.72 -10.27 12.37
N LEU C 34 -13.94 -11.55 12.69
CA LEU C 34 -13.61 -12.11 13.99
C LEU C 34 -12.63 -13.26 13.82
N ALA C 35 -11.68 -13.35 14.76
CA ALA C 35 -10.69 -14.41 14.73
C ALA C 35 -10.47 -14.95 16.14
N TRP C 36 -10.15 -16.24 16.22
CA TRP C 36 -9.89 -16.92 17.48
C TRP C 36 -8.45 -17.42 17.50
N TYR C 37 -7.70 -17.02 18.51
CA TYR C 37 -6.33 -17.49 18.70
C TYR C 37 -6.24 -18.35 19.96
N GLN C 38 -5.15 -19.11 20.04
CA GLN C 38 -4.80 -19.85 21.25
C GLN C 38 -3.34 -19.61 21.56
N GLN C 39 -3.03 -19.47 22.86
CA GLN C 39 -1.67 -19.19 23.32
C GLN C 39 -1.19 -20.35 24.17
N LYS C 40 -0.24 -21.12 23.64
CA LYS C 40 0.41 -22.14 24.43
C LYS C 40 1.29 -21.48 25.50
N PRO C 41 1.53 -22.17 26.62
CA PRO C 41 2.31 -21.53 27.70
C PRO C 41 3.73 -21.20 27.29
N GLY C 42 4.03 -19.90 27.21
CA GLY C 42 5.37 -19.42 26.91
C GLY C 42 5.66 -19.10 25.47
N GLN C 43 4.73 -19.38 24.55
CA GLN C 43 4.93 -19.17 23.13
C GLN C 43 3.91 -18.20 22.58
N ALA C 44 4.21 -17.66 21.40
CA ALA C 44 3.34 -16.67 20.78
C ALA C 44 2.03 -17.32 20.34
N PRO C 45 0.92 -16.60 20.41
CA PRO C 45 -0.36 -17.17 19.95
C PRO C 45 -0.36 -17.41 18.45
N ARG C 46 -1.19 -18.36 18.03
CA ARG C 46 -1.32 -18.72 16.63
C ARG C 46 -2.79 -18.63 16.22
N LEU C 47 -3.01 -18.38 14.94
CA LEU C 47 -4.36 -18.29 14.40
C LEU C 47 -4.97 -19.68 14.24
N LEU C 48 -6.25 -19.80 14.59
CA LEU C 48 -7.00 -21.03 14.42
C LEU C 48 -8.14 -20.88 13.40
N ILE C 49 -9.03 -19.92 13.63
CA ILE C 49 -10.15 -19.67 12.72
C ILE C 49 -10.32 -18.16 12.58
N SER C 50 -10.61 -17.72 11.36
CA SER C 50 -10.83 -16.31 11.07
C SER C 50 -11.86 -16.19 9.96
N GLY C 51 -12.77 -15.23 10.12
CA GLY C 51 -13.83 -15.04 9.14
C GLY C 51 -15.01 -15.97 9.31
N SER C 52 -15.00 -16.83 10.33
CA SER C 52 -16.07 -17.76 10.69
C SER C 52 -16.25 -18.88 9.68
N SER C 53 -15.52 -18.88 8.58
CA SER C 53 -15.65 -19.95 7.59
C SER C 53 -14.34 -20.45 7.02
N SER C 54 -13.22 -19.76 7.20
CA SER C 54 -11.93 -20.14 6.62
C SER C 54 -10.94 -20.40 7.74
N ARG C 55 -10.36 -21.60 7.75
CA ARG C 55 -9.39 -22.00 8.75
C ARG C 55 -7.98 -21.71 8.28
N ALA C 56 -7.05 -21.72 9.23
CA ALA C 56 -5.64 -21.51 8.93
C ALA C 56 -5.05 -22.75 8.27
N THR C 57 -3.90 -22.56 7.61
CA THR C 57 -3.25 -23.66 6.89
C THR C 57 -2.64 -24.65 7.88
N GLY C 58 -2.96 -25.92 7.68
CA GLY C 58 -2.45 -26.99 8.52
C GLY C 58 -3.32 -27.35 9.71
N ILE C 59 -4.26 -26.48 10.07
CA ILE C 59 -5.14 -26.78 11.21
C ILE C 59 -6.12 -27.87 10.81
N PRO C 60 -6.31 -28.90 11.64
CA PRO C 60 -7.25 -29.97 11.30
C PRO C 60 -8.68 -29.46 11.29
N ASP C 61 -9.58 -30.33 10.82
CA ASP C 61 -11.01 -30.07 10.66
C ASP C 61 -11.77 -30.07 11.98
N ARG C 62 -11.07 -30.07 13.12
CA ARG C 62 -11.73 -30.26 14.40
C ARG C 62 -12.49 -29.01 14.85
N PHE C 63 -11.90 -27.84 14.66
CA PHE C 63 -12.48 -26.60 15.16
C PHE C 63 -13.58 -26.09 14.22
N SER C 64 -14.55 -25.38 14.79
CA SER C 64 -15.62 -24.80 13.99
C SER C 64 -16.12 -23.51 14.64
N ALA C 65 -16.22 -22.45 13.86
CA ALA C 65 -16.70 -21.17 14.35
C ALA C 65 -18.06 -20.84 13.77
N SER C 66 -18.81 -20.04 14.52
CA SER C 66 -20.13 -19.59 14.09
C SER C 66 -20.47 -18.31 14.84
N GLY C 67 -21.73 -17.91 14.79
CA GLY C 67 -22.19 -16.68 15.42
C GLY C 67 -22.54 -15.65 14.36
N SER C 68 -23.65 -14.94 14.58
CA SER C 68 -24.14 -13.95 13.64
C SER C 68 -24.15 -12.54 14.22
N GLY C 69 -24.76 -12.35 15.39
CA GLY C 69 -24.88 -11.02 15.95
C GLY C 69 -23.88 -10.73 17.06
N THR C 70 -24.38 -10.32 18.22
CA THR C 70 -23.49 -9.94 19.32
C THR C 70 -22.68 -11.13 19.81
N ASP C 71 -23.28 -12.31 19.84
CA ASP C 71 -22.62 -13.51 20.35
C ASP C 71 -21.82 -14.19 19.25
N PHE C 72 -20.70 -14.79 19.62
CA PHE C 72 -19.92 -15.60 18.71
C PHE C 72 -19.45 -16.85 19.46
N THR C 73 -19.51 -18.00 18.79
CA THR C 73 -19.28 -19.28 19.44
C THR C 73 -18.23 -20.08 18.69
N LEU C 74 -17.36 -20.75 19.44
CA LEU C 74 -16.35 -21.65 18.91
C LEU C 74 -16.57 -23.03 19.51
N THR C 75 -16.52 -24.06 18.65
CA THR C 75 -16.79 -25.42 19.05
C THR C 75 -15.62 -26.32 18.67
N ILE C 76 -15.25 -27.21 19.59
CA ILE C 76 -14.18 -28.17 19.39
C ILE C 76 -14.76 -29.56 19.52
N SER C 77 -14.53 -30.41 18.52
CA SER C 77 -15.15 -31.73 18.50
C SER C 77 -14.62 -32.61 19.63
N ARG C 78 -13.31 -32.59 19.87
CA ARG C 78 -12.71 -33.44 20.89
C ARG C 78 -11.45 -32.77 21.42
N LEU C 79 -11.05 -33.15 22.62
CA LEU C 79 -9.93 -32.53 23.32
C LEU C 79 -8.75 -33.50 23.29
N GLU C 80 -7.82 -33.29 22.36
CA GLU C 80 -6.60 -34.06 22.35
C GLU C 80 -5.65 -33.48 23.42
N PRO C 81 -4.84 -34.32 24.06
CA PRO C 81 -4.00 -33.85 25.18
C PRO C 81 -3.16 -32.60 24.94
N GLU C 82 -2.98 -32.16 23.69
CA GLU C 82 -2.29 -30.90 23.46
C GLU C 82 -3.24 -29.72 23.30
N ASP C 83 -4.54 -29.96 23.22
CA ASP C 83 -5.52 -28.91 22.93
C ASP C 83 -5.93 -28.11 24.16
N PHE C 84 -5.15 -28.17 25.24
CA PHE C 84 -5.47 -27.44 26.47
C PHE C 84 -4.65 -26.16 26.49
N ALA C 85 -5.30 -25.03 26.24
CA ALA C 85 -4.63 -23.73 26.21
C ALA C 85 -5.67 -22.64 26.34
N VAL C 86 -5.20 -21.40 26.41
CA VAL C 86 -6.08 -20.24 26.52
C VAL C 86 -6.57 -19.87 25.13
N TYR C 87 -7.72 -19.19 25.07
CA TYR C 87 -8.33 -18.80 23.81
C TYR C 87 -8.69 -17.32 23.85
N TYR C 88 -8.55 -16.64 22.71
CA TYR C 88 -8.79 -15.21 22.62
C TYR C 88 -9.60 -14.87 21.37
N CYS C 89 -10.55 -13.95 21.53
CA CYS C 89 -11.33 -13.40 20.43
C CYS C 89 -10.75 -12.04 20.04
N GLN C 90 -10.72 -11.78 18.73
CA GLN C 90 -10.28 -10.47 18.24
C GLN C 90 -11.16 -10.04 17.07
N GLN C 91 -11.36 -8.73 16.94
CA GLN C 91 -12.12 -8.13 15.86
C GLN C 91 -11.31 -7.02 15.21
N TYR C 92 -11.56 -6.80 13.92
CA TYR C 92 -10.84 -5.77 13.16
C TYR C 92 -11.71 -4.62 12.71
N ALA C 93 -13.02 -4.80 12.60
CA ALA C 93 -13.85 -3.88 11.82
C ALA C 93 -13.91 -2.49 12.45
N ASN C 94 -14.21 -2.43 13.74
CA ASN C 94 -14.64 -1.18 14.36
C ASN C 94 -13.43 -0.32 14.70
N SER C 95 -13.62 0.63 15.61
CA SER C 95 -12.66 1.60 16.14
C SER C 95 -11.53 0.83 16.83
N PRO C 96 -10.46 1.51 17.38
CA PRO C 96 -9.23 0.78 17.76
C PRO C 96 -9.44 -0.60 18.33
N TRP C 97 -8.82 -1.58 17.67
CA TRP C 97 -9.11 -2.98 17.91
C TRP C 97 -8.75 -3.38 19.33
N THR C 98 -9.54 -4.28 19.91
CA THR C 98 -9.34 -4.76 21.26
C THR C 98 -9.40 -6.28 21.30
N PHE C 99 -8.73 -6.86 22.28
CA PHE C 99 -8.69 -8.30 22.46
C PHE C 99 -9.68 -8.73 23.55
N GLY C 100 -9.82 -10.04 23.71
CA GLY C 100 -10.70 -10.61 24.71
C GLY C 100 -10.06 -10.65 26.08
N GLN C 101 -10.75 -11.32 27.00
CA GLN C 101 -10.25 -11.43 28.38
C GLN C 101 -9.38 -12.66 28.59
N GLY C 102 -9.75 -13.79 27.98
CA GLY C 102 -8.96 -15.00 28.12
C GLY C 102 -9.63 -16.06 28.96
N THR C 103 -9.96 -17.19 28.34
CA THR C 103 -10.57 -18.32 29.02
C THR C 103 -9.66 -19.54 28.90
N LYS C 104 -9.63 -20.34 29.95
CA LYS C 104 -8.78 -21.52 30.02
C LYS C 104 -9.64 -22.78 30.01
N VAL C 105 -9.14 -23.82 29.33
CA VAL C 105 -9.79 -25.12 29.29
C VAL C 105 -8.91 -26.13 30.03
N GLU C 106 -9.54 -26.95 30.86
CA GLU C 106 -8.85 -27.93 31.69
C GLU C 106 -9.28 -29.34 31.30
N VAL C 107 -8.67 -30.32 31.94
CA VAL C 107 -8.98 -31.72 31.68
C VAL C 107 -9.86 -32.28 32.80
#